data_2LWS
#
_entry.id   2LWS
#
_entity_poly.entity_id   1
_entity_poly.type   'polypeptide(L)'
_entity_poly.pdbx_seq_one_letter_code
;GSCFGAFCFRRD
;
_entity_poly.pdbx_strand_id   A
#
# COMPACT_ATOMS: atom_id res chain seq x y z
N GLY A 1 -4.02 0.63 -4.11
CA GLY A 1 -3.15 0.06 -5.11
C GLY A 1 -1.77 0.69 -5.11
N SER A 2 -1.58 1.67 -4.23
CA SER A 2 -0.30 2.36 -4.13
C SER A 2 0.61 1.68 -3.10
N CYS A 3 0.69 0.36 -3.18
CA CYS A 3 1.52 -0.41 -2.26
C CYS A 3 2.94 0.14 -2.22
N PHE A 4 3.48 0.30 -1.02
CA PHE A 4 4.83 0.82 -0.85
C PHE A 4 5.47 0.24 0.42
N GLY A 5 5.96 -0.99 0.32
CA GLY A 5 6.59 -1.61 1.46
C GLY A 5 5.71 -1.61 2.70
N ALA A 6 6.05 -0.76 3.66
CA ALA A 6 5.29 -0.65 4.90
C ALA A 6 3.87 -0.17 4.62
N PHE A 7 3.66 0.37 3.43
CA PHE A 7 2.34 0.87 3.03
C PHE A 7 1.72 -0.02 1.96
N CYS A 8 1.96 -1.32 2.06
CA CYS A 8 1.42 -2.27 1.10
C CYS A 8 0.09 -2.83 1.59
N PHE A 9 -0.52 -2.15 2.55
CA PHE A 9 -1.80 -2.58 3.10
C PHE A 9 -2.76 -1.42 3.21
N ARG A 10 -3.27 -0.96 2.06
CA ARG A 10 -4.21 0.16 2.04
C ARG A 10 -5.16 0.04 0.85
N ARG A 11 -6.23 0.83 0.87
CA ARG A 11 -7.22 0.82 -0.20
C ARG A 11 -6.87 1.82 -1.28
N ASP A 12 -5.78 1.56 -2.00
CA ASP A 12 -5.33 2.45 -3.07
C ASP A 12 -4.87 1.64 -4.28
N GLY A 1 -4.02 0.64 -4.11
CA GLY A 1 -3.14 0.08 -5.12
C GLY A 1 -1.77 0.71 -5.10
N SER A 2 -1.58 1.69 -4.22
CA SER A 2 -0.30 2.38 -4.11
C SER A 2 0.60 1.70 -3.08
N CYS A 3 0.68 0.37 -3.17
CA CYS A 3 1.51 -0.40 -2.26
C CYS A 3 2.93 0.14 -2.23
N PHE A 4 3.48 0.30 -1.02
CA PHE A 4 4.83 0.80 -0.85
C PHE A 4 5.47 0.23 0.42
N GLY A 5 5.96 -1.00 0.32
CA GLY A 5 6.59 -1.64 1.45
C GLY A 5 5.70 -1.63 2.69
N ALA A 6 6.06 -0.79 3.66
CA ALA A 6 5.30 -0.68 4.89
C ALA A 6 3.88 -0.18 4.62
N PHE A 7 3.67 0.37 3.43
CA PHE A 7 2.35 0.87 3.04
C PHE A 7 1.72 -0.01 1.97
N CYS A 8 1.95 -1.31 2.07
CA CYS A 8 1.41 -2.26 1.11
C CYS A 8 0.07 -2.81 1.59
N PHE A 9 -0.52 -2.13 2.56
CA PHE A 9 -1.81 -2.55 3.12
C PHE A 9 -2.78 -1.37 3.20
N ARG A 10 -3.21 -0.89 2.04
CA ARG A 10 -4.13 0.23 1.97
C ARG A 10 -5.08 0.09 0.79
N ARG A 11 -6.22 0.78 0.86
CA ARG A 11 -7.22 0.72 -0.20
C ARG A 11 -6.90 1.74 -1.29
N ASP A 12 -5.77 1.53 -1.98
CA ASP A 12 -5.35 2.43 -3.05
C ASP A 12 -4.89 1.64 -4.27
N GLY A 1 -4.03 0.66 -4.07
CA GLY A 1 -3.16 0.11 -5.10
C GLY A 1 -1.79 0.74 -5.08
N SER A 2 -1.58 1.71 -4.20
CA SER A 2 -0.30 2.40 -4.10
C SER A 2 0.60 1.70 -3.08
N CYS A 3 0.68 0.38 -3.16
CA CYS A 3 1.50 -0.40 -2.25
C CYS A 3 2.93 0.13 -2.22
N PHE A 4 3.48 0.28 -1.02
CA PHE A 4 4.84 0.77 -0.86
C PHE A 4 5.48 0.19 0.40
N GLY A 5 5.95 -1.04 0.31
CA GLY A 5 6.58 -1.68 1.45
C GLY A 5 5.70 -1.65 2.69
N ALA A 6 6.08 -0.81 3.65
CA ALA A 6 5.31 -0.68 4.89
C ALA A 6 3.90 -0.17 4.62
N PHE A 7 3.69 0.37 3.43
CA PHE A 7 2.38 0.89 3.05
C PHE A 7 1.74 0.01 1.97
N CYS A 8 1.96 -1.29 2.09
CA CYS A 8 1.39 -2.25 1.13
C CYS A 8 0.05 -2.78 1.62
N PHE A 9 -0.53 -2.08 2.60
CA PHE A 9 -1.82 -2.49 3.15
C PHE A 9 -2.79 -1.31 3.18
N ARG A 10 -3.20 -0.86 2.00
CA ARG A 10 -4.12 0.26 1.90
C ARG A 10 -5.07 0.07 0.72
N ARG A 11 -6.24 0.70 0.80
CA ARG A 11 -7.24 0.60 -0.26
C ARG A 11 -6.96 1.61 -1.37
N ASP A 12 -5.74 1.55 -1.92
CA ASP A 12 -5.34 2.45 -2.99
C ASP A 12 -4.89 1.67 -4.22
N GLY A 1 -4.03 0.66 -4.09
CA GLY A 1 -3.16 0.13 -5.12
C GLY A 1 -1.77 0.76 -5.09
N SER A 2 -1.59 1.73 -4.19
CA SER A 2 -0.30 2.41 -4.08
C SER A 2 0.59 1.72 -3.05
N CYS A 3 0.66 0.40 -3.14
CA CYS A 3 1.49 -0.39 -2.24
C CYS A 3 2.92 0.13 -2.21
N PHE A 4 3.47 0.28 -1.01
CA PHE A 4 4.85 0.76 -0.86
C PHE A 4 5.49 0.18 0.40
N GLY A 5 5.95 -1.06 0.30
CA GLY A 5 6.58 -1.70 1.44
C GLY A 5 5.70 -1.67 2.69
N ALA A 6 6.09 -0.83 3.64
CA ALA A 6 5.33 -0.70 4.88
C ALA A 6 3.92 -0.18 4.61
N PHE A 7 3.71 0.36 3.42
CA PHE A 7 2.40 0.89 3.05
C PHE A 7 1.75 0.02 1.99
N CYS A 8 1.96 -1.29 2.10
CA CYS A 8 1.39 -2.24 1.14
C CYS A 8 0.05 -2.76 1.64
N PHE A 9 -0.54 -2.06 2.61
CA PHE A 9 -1.82 -2.46 3.17
C PHE A 9 -2.80 -1.28 3.20
N ARG A 10 -3.20 -0.84 2.01
CA ARG A 10 -4.13 0.27 1.89
C ARG A 10 -5.07 0.08 0.71
N ARG A 11 -6.25 0.67 0.79
CA ARG A 11 -7.24 0.57 -0.28
C ARG A 11 -6.97 1.57 -1.38
N ASP A 12 -5.76 1.52 -1.94
CA ASP A 12 -5.38 2.43 -3.01
C ASP A 12 -4.91 1.66 -4.24
N GLY A 1 -4.03 0.68 -4.04
CA GLY A 1 -3.18 0.12 -5.07
C GLY A 1 -1.79 0.73 -5.07
N SER A 2 -1.58 1.71 -4.20
CA SER A 2 -0.29 2.39 -4.11
C SER A 2 0.61 1.69 -3.09
N CYS A 3 0.66 0.37 -3.16
CA CYS A 3 1.50 -0.40 -2.25
C CYS A 3 2.93 0.12 -2.22
N PHE A 4 3.48 0.28 -1.02
CA PHE A 4 4.84 0.77 -0.86
C PHE A 4 5.49 0.20 0.40
N GLY A 5 5.96 -1.04 0.30
CA GLY A 5 6.59 -1.67 1.45
C GLY A 5 5.71 -1.65 2.69
N ALA A 6 6.08 -0.80 3.64
CA ALA A 6 5.32 -0.68 4.88
C ALA A 6 3.91 -0.17 4.61
N PHE A 7 3.70 0.37 3.42
CA PHE A 7 2.40 0.89 3.04
C PHE A 7 1.74 0.01 1.98
N CYS A 8 1.96 -1.29 2.09
CA CYS A 8 1.40 -2.25 1.14
C CYS A 8 0.06 -2.78 1.64
N PHE A 9 -0.52 -2.08 2.60
CA PHE A 9 -1.81 -2.49 3.16
C PHE A 9 -2.78 -1.31 3.19
N ARG A 10 -3.22 -0.89 2.00
CA ARG A 10 -4.15 0.23 1.89
C ARG A 10 -5.12 0.01 0.74
N ARG A 11 -6.24 0.74 0.75
CA ARG A 11 -7.25 0.62 -0.28
C ARG A 11 -6.98 1.59 -1.42
N ASP A 12 -5.73 1.61 -1.90
CA ASP A 12 -5.34 2.49 -2.99
C ASP A 12 -4.90 1.68 -4.21
N GLY A 1 -4.03 0.66 -4.09
CA GLY A 1 -3.15 0.12 -5.11
C GLY A 1 -1.77 0.75 -5.09
N SER A 2 -1.59 1.73 -4.19
CA SER A 2 -0.30 2.41 -4.08
C SER A 2 0.59 1.72 -3.05
N CYS A 3 0.67 0.40 -3.15
CA CYS A 3 1.49 -0.39 -2.24
C CYS A 3 2.93 0.13 -2.22
N PHE A 4 3.49 0.28 -1.02
CA PHE A 4 4.85 0.76 -0.86
C PHE A 4 5.49 0.19 0.39
N GLY A 5 5.96 -1.06 0.30
CA GLY A 5 6.59 -1.70 1.45
C GLY A 5 5.72 -1.67 2.68
N ALA A 6 6.09 -0.83 3.63
CA ALA A 6 5.34 -0.70 4.88
C ALA A 6 3.93 -0.18 4.62
N PHE A 7 3.72 0.37 3.43
CA PHE A 7 2.41 0.89 3.04
C PHE A 7 1.75 0.02 1.99
N CYS A 8 1.97 -1.29 2.09
CA CYS A 8 1.39 -2.24 1.14
C CYS A 8 0.05 -2.76 1.64
N PHE A 9 -0.53 -2.06 2.61
CA PHE A 9 -1.82 -2.46 3.17
C PHE A 9 -2.78 -1.28 3.20
N ARG A 10 -3.24 -0.87 2.02
CA ARG A 10 -4.17 0.25 1.91
C ARG A 10 -5.11 0.05 0.72
N ARG A 11 -6.28 0.69 0.79
CA ARG A 11 -7.26 0.59 -0.29
C ARG A 11 -6.97 1.60 -1.39
N ASP A 12 -5.76 1.53 -1.95
CA ASP A 12 -5.36 2.44 -3.02
C ASP A 12 -4.90 1.67 -4.24
N GLY A 1 -4.03 0.67 -4.11
CA GLY A 1 -3.14 0.16 -5.14
C GLY A 1 -1.76 0.80 -5.09
N SER A 2 -1.59 1.76 -4.18
CA SER A 2 -0.32 2.45 -4.02
C SER A 2 0.58 1.74 -3.01
N CYS A 3 0.66 0.43 -3.13
CA CYS A 3 1.48 -0.38 -2.22
C CYS A 3 2.92 0.13 -2.21
N PHE A 4 3.48 0.27 -1.01
CA PHE A 4 4.86 0.74 -0.86
C PHE A 4 5.50 0.16 0.39
N GLY A 5 5.95 -1.10 0.29
CA GLY A 5 6.57 -1.75 1.42
C GLY A 5 5.72 -1.70 2.67
N ALA A 6 6.10 -0.87 3.63
CA ALA A 6 5.36 -0.73 4.88
C ALA A 6 3.95 -0.19 4.62
N PHE A 7 3.74 0.36 3.43
CA PHE A 7 2.44 0.90 3.05
C PHE A 7 1.76 0.03 2.00
N CYS A 8 1.96 -1.27 2.11
CA CYS A 8 1.38 -2.22 1.15
C CYS A 8 0.03 -2.72 1.66
N PHE A 9 -0.53 -2.02 2.64
CA PHE A 9 -1.83 -2.40 3.21
C PHE A 9 -2.79 -1.22 3.21
N ARG A 10 -3.21 -0.82 2.01
CA ARG A 10 -4.13 0.31 1.87
C ARG A 10 -5.06 0.10 0.67
N ARG A 11 -6.28 0.62 0.78
CA ARG A 11 -7.26 0.49 -0.30
C ARG A 11 -7.00 1.52 -1.40
N ASP A 12 -5.80 1.48 -1.98
CA ASP A 12 -5.42 2.39 -3.03
C ASP A 12 -4.93 1.64 -4.27
N GLY A 1 -4.04 0.69 -4.09
CA GLY A 1 -3.14 0.17 -5.12
C GLY A 1 -1.77 0.80 -5.07
N SER A 2 -1.59 1.76 -4.17
CA SER A 2 -0.32 2.46 -4.02
C SER A 2 0.58 1.74 -3.01
N CYS A 3 0.66 0.42 -3.12
CA CYS A 3 1.47 -0.38 -2.21
C CYS A 3 2.92 0.12 -2.20
N PHE A 4 3.48 0.27 -1.01
CA PHE A 4 4.86 0.73 -0.87
C PHE A 4 5.50 0.15 0.39
N GLY A 5 5.95 -1.10 0.29
CA GLY A 5 6.58 -1.75 1.43
C GLY A 5 5.73 -1.71 2.68
N ALA A 6 6.12 -0.87 3.62
CA ALA A 6 5.38 -0.73 4.87
C ALA A 6 3.97 -0.19 4.62
N PHE A 7 3.76 0.36 3.44
CA PHE A 7 2.46 0.90 3.06
C PHE A 7 1.78 0.04 2.01
N CYS A 8 1.97 -1.27 2.11
CA CYS A 8 1.38 -2.21 1.18
C CYS A 8 0.03 -2.72 1.68
N PHE A 9 -0.53 -2.01 2.66
CA PHE A 9 -1.81 -2.38 3.24
C PHE A 9 -2.79 -1.20 3.20
N ARG A 10 -3.21 -0.83 2.01
CA ARG A 10 -4.13 0.28 1.83
C ARG A 10 -5.09 0.02 0.68
N ARG A 11 -6.26 0.66 0.72
CA ARG A 11 -7.26 0.49 -0.31
C ARG A 11 -7.04 1.48 -1.46
N ASP A 12 -5.81 1.52 -1.96
CA ASP A 12 -5.46 2.43 -3.05
C ASP A 12 -4.96 1.64 -4.27
N GLY A 1 -4.03 0.69 -4.14
CA GLY A 1 -3.12 0.20 -5.16
C GLY A 1 -1.75 0.85 -5.08
N SER A 2 -1.60 1.79 -4.14
CA SER A 2 -0.34 2.49 -3.97
C SER A 2 0.55 1.77 -2.96
N CYS A 3 0.65 0.45 -3.10
CA CYS A 3 1.46 -0.35 -2.20
C CYS A 3 2.91 0.12 -2.19
N PHE A 4 3.48 0.27 -1.00
CA PHE A 4 4.87 0.72 -0.86
C PHE A 4 5.51 0.13 0.39
N GLY A 5 5.94 -1.13 0.29
CA GLY A 5 6.56 -1.79 1.41
C GLY A 5 5.72 -1.74 2.67
N ALA A 6 6.12 -0.90 3.62
CA ALA A 6 5.39 -0.76 4.87
C ALA A 6 3.99 -0.21 4.62
N PHE A 7 3.78 0.35 3.44
CA PHE A 7 2.48 0.91 3.08
C PHE A 7 1.79 0.05 2.03
N CYS A 8 1.97 -1.27 2.12
CA CYS A 8 1.36 -2.19 1.18
C CYS A 8 0.01 -2.69 1.70
N PHE A 9 -0.53 -1.98 2.68
CA PHE A 9 -1.82 -2.34 3.26
C PHE A 9 -2.80 -1.16 3.20
N ARG A 10 -3.16 -0.76 2.00
CA ARG A 10 -4.08 0.35 1.81
C ARG A 10 -5.02 0.08 0.64
N ARG A 11 -6.25 0.60 0.74
CA ARG A 11 -7.24 0.41 -0.31
C ARG A 11 -7.04 1.43 -1.43
N ASP A 12 -5.85 1.44 -2.01
CA ASP A 12 -5.52 2.36 -3.09
C ASP A 12 -4.99 1.61 -4.31
N GLY A 1 -4.05 0.64 -4.16
CA GLY A 1 -3.13 0.10 -5.14
C GLY A 1 -1.76 0.76 -5.09
N SER A 2 -1.60 1.71 -4.18
CA SER A 2 -0.34 2.42 -4.02
C SER A 2 0.56 1.72 -3.02
N CYS A 3 0.67 0.41 -3.13
CA CYS A 3 1.49 -0.38 -2.23
C CYS A 3 2.92 0.15 -2.21
N PHE A 4 3.48 0.30 -1.00
CA PHE A 4 4.84 0.78 -0.84
C PHE A 4 5.48 0.21 0.42
N GLY A 5 5.96 -1.03 0.32
CA GLY A 5 6.60 -1.67 1.45
C GLY A 5 5.71 -1.66 2.69
N ALA A 6 6.09 -0.82 3.65
CA ALA A 6 5.33 -0.71 4.90
C ALA A 6 3.91 -0.21 4.63
N PHE A 7 3.70 0.35 3.45
CA PHE A 7 2.39 0.87 3.06
C PHE A 7 1.74 0.00 1.99
N CYS A 8 1.97 -1.31 2.09
CA CYS A 8 1.41 -2.25 1.12
C CYS A 8 0.07 -2.80 1.62
N PHE A 9 -0.52 -2.11 2.59
CA PHE A 9 -1.80 -2.53 3.15
C PHE A 9 -2.78 -1.35 3.20
N ARG A 10 -3.15 -0.85 2.03
CA ARG A 10 -4.07 0.28 1.95
C ARG A 10 -5.06 0.08 0.79
N ARG A 11 -6.17 0.81 0.84
CA ARG A 11 -7.19 0.73 -0.19
C ARG A 11 -6.92 1.73 -1.31
N ASP A 12 -5.88 1.48 -2.09
CA ASP A 12 -5.52 2.36 -3.20
C ASP A 12 -4.98 1.57 -4.38
N GLY A 1 -4.04 0.72 -4.22
CA GLY A 1 -3.07 0.31 -5.23
C GLY A 1 -1.73 1.00 -5.05
N SER A 2 -1.63 1.87 -4.06
CA SER A 2 -0.40 2.60 -3.79
C SER A 2 0.47 1.85 -2.79
N CYS A 3 0.61 0.54 -3.01
CA CYS A 3 1.42 -0.30 -2.13
C CYS A 3 2.89 0.13 -2.17
N PHE A 4 3.49 0.24 -0.99
CA PHE A 4 4.89 0.64 -0.89
C PHE A 4 5.54 0.02 0.35
N GLY A 5 5.93 -1.25 0.24
CA GLY A 5 6.55 -1.93 1.36
C GLY A 5 5.74 -1.84 2.63
N ALA A 6 6.20 -1.02 3.57
CA ALA A 6 5.50 -0.85 4.84
C ALA A 6 4.11 -0.24 4.63
N PHE A 7 3.89 0.31 3.45
CA PHE A 7 2.61 0.93 3.12
C PHE A 7 1.87 0.10 2.08
N CYS A 8 2.00 -1.22 2.17
CA CYS A 8 1.33 -2.13 1.25
C CYS A 8 -0.03 -2.57 1.79
N PHE A 9 -0.52 -1.84 2.79
CA PHE A 9 -1.81 -2.15 3.39
C PHE A 9 -2.78 -0.99 3.25
N ARG A 10 -3.16 -0.70 2.01
CA ARG A 10 -4.09 0.39 1.72
C ARG A 10 -5.02 0.03 0.57
N ARG A 11 -6.26 0.51 0.64
CA ARG A 11 -7.24 0.24 -0.40
C ARG A 11 -7.13 1.25 -1.53
N ASP A 12 -5.96 1.32 -2.15
CA ASP A 12 -5.72 2.25 -3.25
C ASP A 12 -5.08 1.53 -4.43
N GLY A 1 -4.04 0.68 -4.14
CA GLY A 1 -3.13 0.14 -5.13
C GLY A 1 -1.77 0.80 -5.07
N SER A 2 -1.60 1.74 -4.14
CA SER A 2 -0.34 2.45 -3.99
C SER A 2 0.56 1.74 -2.97
N CYS A 3 0.66 0.42 -3.11
CA CYS A 3 1.48 -0.37 -2.20
C CYS A 3 2.92 0.13 -2.19
N PHE A 4 3.48 0.28 -1.00
CA PHE A 4 4.85 0.76 -0.85
C PHE A 4 5.50 0.17 0.40
N GLY A 5 5.96 -1.08 0.30
CA GLY A 5 6.59 -1.73 1.43
C GLY A 5 5.73 -1.70 2.68
N ALA A 6 6.11 -0.86 3.63
CA ALA A 6 5.37 -0.73 4.89
C ALA A 6 3.96 -0.20 4.63
N PHE A 7 3.74 0.35 3.45
CA PHE A 7 2.43 0.88 3.08
C PHE A 7 1.77 0.02 2.02
N CYS A 8 1.98 -1.29 2.11
CA CYS A 8 1.40 -2.23 1.16
C CYS A 8 0.05 -2.75 1.65
N PHE A 9 -0.51 -2.06 2.64
CA PHE A 9 -1.80 -2.45 3.20
C PHE A 9 -2.78 -1.28 3.19
N ARG A 10 -3.13 -0.82 1.99
CA ARG A 10 -4.05 0.29 1.85
C ARG A 10 -5.09 0.00 0.76
N ARG A 11 -6.16 0.79 0.74
CA ARG A 11 -7.22 0.62 -0.24
C ARG A 11 -7.04 1.58 -1.41
N ASP A 12 -5.87 1.52 -2.06
CA ASP A 12 -5.59 2.37 -3.19
C ASP A 12 -5.02 1.56 -4.36
N GLY A 1 -4.04 0.74 -4.17
CA GLY A 1 -3.10 0.27 -5.17
C GLY A 1 -1.74 0.94 -5.04
N SER A 2 -1.62 1.84 -4.07
CA SER A 2 -0.38 2.56 -3.84
C SER A 2 0.50 1.82 -2.84
N CYS A 3 0.63 0.50 -3.03
CA CYS A 3 1.44 -0.33 -2.15
C CYS A 3 2.89 0.12 -2.17
N PHE A 4 3.49 0.24 -0.99
CA PHE A 4 4.88 0.66 -0.88
C PHE A 4 5.54 0.06 0.37
N GLY A 5 5.93 -1.21 0.26
CA GLY A 5 6.56 -1.89 1.38
C GLY A 5 5.73 -1.80 2.64
N ALA A 6 6.18 -0.98 3.59
CA ALA A 6 5.47 -0.81 4.85
C ALA A 6 4.08 -0.22 4.63
N PHE A 7 3.86 0.33 3.44
CA PHE A 7 2.56 0.92 3.10
C PHE A 7 1.84 0.08 2.06
N CYS A 8 1.99 -1.24 2.16
CA CYS A 8 1.35 -2.15 1.23
C CYS A 8 -0.01 -2.62 1.76
N PHE A 9 -0.52 -1.89 2.75
CA PHE A 9 -1.81 -2.22 3.35
C PHE A 9 -2.79 -1.06 3.21
N ARG A 10 -3.13 -0.73 1.97
CA ARG A 10 -4.05 0.36 1.70
C ARG A 10 -5.04 -0.01 0.60
N ARG A 11 -6.22 0.60 0.62
CA ARG A 11 -7.25 0.33 -0.37
C ARG A 11 -7.13 1.30 -1.55
N ASP A 12 -5.93 1.42 -2.09
CA ASP A 12 -5.69 2.31 -3.22
C ASP A 12 -5.09 1.55 -4.39
N GLY A 1 -4.05 0.71 -4.16
CA GLY A 1 -3.11 0.22 -5.15
C GLY A 1 -1.75 0.89 -5.05
N SER A 2 -1.61 1.80 -4.09
CA SER A 2 -0.37 2.52 -3.89
C SER A 2 0.52 1.79 -2.88
N CYS A 3 0.64 0.48 -3.06
CA CYS A 3 1.45 -0.34 -2.17
C CYS A 3 2.91 0.12 -2.18
N PHE A 4 3.50 0.25 -0.99
CA PHE A 4 4.88 0.70 -0.86
C PHE A 4 5.53 0.10 0.38
N GLY A 5 5.95 -1.16 0.27
CA GLY A 5 6.59 -1.83 1.40
C GLY A 5 5.74 -1.76 2.65
N ALA A 6 6.17 -0.93 3.61
CA ALA A 6 5.44 -0.78 4.86
C ALA A 6 4.05 -0.22 4.64
N PHE A 7 3.83 0.33 3.44
CA PHE A 7 2.53 0.91 3.10
C PHE A 7 1.82 0.06 2.05
N CYS A 8 1.99 -1.26 2.14
CA CYS A 8 1.37 -2.18 1.20
C CYS A 8 0.02 -2.66 1.73
N PHE A 9 -0.51 -1.95 2.71
CA PHE A 9 -1.80 -2.30 3.30
C PHE A 9 -2.78 -1.13 3.21
N ARG A 10 -3.16 -0.78 1.98
CA ARG A 10 -4.09 0.32 1.77
C ARG A 10 -5.09 -0.02 0.67
N ARG A 11 -6.22 0.68 0.66
CA ARG A 11 -7.26 0.44 -0.34
C ARG A 11 -7.11 1.41 -1.51
N ASP A 12 -5.93 1.46 -2.09
CA ASP A 12 -5.66 2.34 -3.23
C ASP A 12 -5.07 1.56 -4.39
N GLY A 1 -4.06 0.76 -4.13
CA GLY A 1 -3.13 0.26 -5.12
C GLY A 1 -1.77 0.91 -5.02
N SER A 2 -1.62 1.83 -4.07
CA SER A 2 -0.36 2.53 -3.86
C SER A 2 0.52 1.80 -2.87
N CYS A 3 0.63 0.48 -3.04
CA CYS A 3 1.44 -0.34 -2.15
C CYS A 3 2.90 0.11 -2.18
N PHE A 4 3.49 0.23 -0.99
CA PHE A 4 4.88 0.66 -0.88
C PHE A 4 5.54 0.06 0.37
N GLY A 5 5.93 -1.20 0.26
CA GLY A 5 6.57 -1.88 1.39
C GLY A 5 5.74 -1.79 2.66
N ALA A 6 6.18 -0.96 3.60
CA ALA A 6 5.47 -0.79 4.86
C ALA A 6 4.08 -0.21 4.63
N PHE A 7 3.86 0.34 3.44
CA PHE A 7 2.57 0.93 3.09
C PHE A 7 1.84 0.08 2.06
N CYS A 8 2.00 -1.24 2.16
CA CYS A 8 1.36 -2.16 1.23
C CYS A 8 0.00 -2.62 1.76
N PHE A 9 -0.51 -1.89 2.75
CA PHE A 9 -1.80 -2.23 3.35
C PHE A 9 -2.78 -1.07 3.20
N ARG A 10 -3.14 -0.76 1.96
CA ARG A 10 -4.07 0.33 1.68
C ARG A 10 -5.08 -0.07 0.61
N ARG A 11 -6.21 0.61 0.57
CA ARG A 11 -7.25 0.32 -0.40
C ARG A 11 -7.14 1.24 -1.61
N ASP A 12 -5.91 1.51 -2.04
CA ASP A 12 -5.67 2.38 -3.18
C ASP A 12 -5.09 1.59 -4.35
N GLY A 1 -4.04 0.69 -4.23
CA GLY A 1 -3.07 0.21 -5.19
C GLY A 1 -1.73 0.90 -5.06
N SER A 2 -1.61 1.80 -4.09
CA SER A 2 -0.38 2.54 -3.87
C SER A 2 0.52 1.80 -2.88
N CYS A 3 0.61 0.49 -3.03
CA CYS A 3 1.43 -0.33 -2.15
C CYS A 3 2.88 0.15 -2.17
N PHE A 4 3.47 0.27 -0.98
CA PHE A 4 4.85 0.72 -0.85
C PHE A 4 5.51 0.12 0.38
N GLY A 5 5.93 -1.13 0.26
CA GLY A 5 6.58 -1.80 1.38
C GLY A 5 5.75 -1.76 2.64
N ALA A 6 6.17 -0.93 3.59
CA ALA A 6 5.46 -0.79 4.85
C ALA A 6 4.05 -0.23 4.63
N PHE A 7 3.83 0.32 3.45
CA PHE A 7 2.52 0.89 3.12
C PHE A 7 1.82 0.04 2.06
N CYS A 8 2.00 -1.27 2.14
CA CYS A 8 1.38 -2.20 1.20
C CYS A 8 0.03 -2.68 1.73
N PHE A 9 -0.50 -1.99 2.72
CA PHE A 9 -1.78 -2.35 3.32
C PHE A 9 -2.76 -1.19 3.25
N ARG A 10 -3.16 -0.81 2.04
CA ARG A 10 -4.08 0.29 1.84
C ARG A 10 -5.12 -0.05 0.78
N ARG A 11 -6.16 0.77 0.67
CA ARG A 11 -7.21 0.56 -0.31
C ARG A 11 -7.07 1.52 -1.48
N ASP A 12 -5.96 1.42 -2.20
CA ASP A 12 -5.70 2.28 -3.34
C ASP A 12 -5.07 1.50 -4.49
N GLY A 1 -4.03 0.69 -4.23
CA GLY A 1 -3.06 0.21 -5.19
C GLY A 1 -1.73 0.90 -5.06
N SER A 2 -1.61 1.80 -4.09
CA SER A 2 -0.37 2.54 -3.87
C SER A 2 0.53 1.80 -2.88
N CYS A 3 0.61 0.49 -3.02
CA CYS A 3 1.44 -0.33 -2.15
C CYS A 3 2.88 0.15 -2.17
N PHE A 4 3.47 0.27 -0.98
CA PHE A 4 4.86 0.72 -0.86
C PHE A 4 5.51 0.12 0.38
N GLY A 5 5.94 -1.14 0.26
CA GLY A 5 6.58 -1.81 1.38
C GLY A 5 5.75 -1.76 2.64
N ALA A 6 6.17 -0.93 3.59
CA ALA A 6 5.46 -0.79 4.85
C ALA A 6 4.06 -0.23 4.64
N PHE A 7 3.83 0.33 3.45
CA PHE A 7 2.53 0.90 3.11
C PHE A 7 1.82 0.04 2.06
N CYS A 8 2.00 -1.27 2.14
CA CYS A 8 1.38 -2.19 1.20
C CYS A 8 0.04 -2.68 1.73
N PHE A 9 -0.49 -1.98 2.72
CA PHE A 9 -1.78 -2.34 3.32
C PHE A 9 -2.76 -1.18 3.26
N ARG A 10 -3.19 -0.83 2.05
CA ARG A 10 -4.12 0.27 1.86
C ARG A 10 -5.16 -0.07 0.79
N ARG A 11 -6.16 0.78 0.65
CA ARG A 11 -7.23 0.56 -0.32
C ARG A 11 -7.08 1.52 -1.50
N ASP A 12 -5.96 1.43 -2.20
CA ASP A 12 -5.70 2.29 -3.34
C ASP A 12 -5.07 1.50 -4.49
N GLY A 1 -4.03 0.67 -4.24
CA GLY A 1 -3.06 0.19 -5.20
C GLY A 1 -1.72 0.88 -5.07
N SER A 2 -1.61 1.79 -4.10
CA SER A 2 -0.38 2.53 -3.88
C SER A 2 0.53 1.80 -2.90
N CYS A 3 0.61 0.48 -3.03
CA CYS A 3 1.44 -0.33 -2.16
C CYS A 3 2.88 0.15 -2.17
N PHE A 4 3.47 0.27 -0.98
CA PHE A 4 4.84 0.74 -0.85
C PHE A 4 5.51 0.13 0.38
N GLY A 5 5.94 -1.12 0.27
CA GLY A 5 6.58 -1.78 1.38
C GLY A 5 5.74 -1.74 2.64
N ALA A 6 6.16 -0.92 3.60
CA ALA A 6 5.45 -0.78 4.86
C ALA A 6 4.04 -0.23 4.63
N PHE A 7 3.82 0.33 3.45
CA PHE A 7 2.51 0.89 3.11
C PHE A 7 1.81 0.03 2.05
N CYS A 8 1.99 -1.28 2.14
CA CYS A 8 1.39 -2.20 1.19
C CYS A 8 0.04 -2.70 1.71
N PHE A 9 -0.50 -2.01 2.70
CA PHE A 9 -1.79 -2.38 3.29
C PHE A 9 -2.75 -1.20 3.26
N ARG A 10 -3.21 -0.84 2.07
CA ARG A 10 -4.13 0.27 1.91
C ARG A 10 -5.11 0.00 0.76
N ARG A 11 -6.21 0.75 0.73
CA ARG A 11 -7.22 0.59 -0.31
C ARG A 11 -7.01 1.60 -1.42
N ASP A 12 -5.97 1.40 -2.22
CA ASP A 12 -5.66 2.29 -3.33
C ASP A 12 -5.03 1.52 -4.48
N GLY A 1 -4.03 0.70 -4.22
CA GLY A 1 -3.06 0.24 -5.20
C GLY A 1 -1.72 0.93 -5.05
N SER A 2 -1.62 1.82 -4.08
CA SER A 2 -0.38 2.56 -3.84
C SER A 2 0.52 1.82 -2.86
N CYS A 3 0.59 0.51 -3.01
CA CYS A 3 1.42 -0.32 -2.13
C CYS A 3 2.87 0.14 -2.16
N PHE A 4 3.48 0.26 -0.98
CA PHE A 4 4.86 0.69 -0.87
C PHE A 4 5.52 0.09 0.36
N GLY A 5 5.94 -1.17 0.25
CA GLY A 5 6.57 -1.85 1.37
C GLY A 5 5.75 -1.78 2.63
N ALA A 6 6.19 -0.96 3.58
CA ALA A 6 5.49 -0.81 4.85
C ALA A 6 4.08 -0.24 4.63
N PHE A 7 3.86 0.32 3.45
CA PHE A 7 2.56 0.91 3.12
C PHE A 7 1.84 0.06 2.07
N CYS A 8 2.00 -1.25 2.16
CA CYS A 8 1.37 -2.17 1.22
C CYS A 8 0.01 -2.65 1.76
N PHE A 9 -0.50 -1.93 2.76
CA PHE A 9 -1.78 -2.28 3.35
C PHE A 9 -2.77 -1.11 3.25
N ARG A 10 -3.17 -0.79 2.03
CA ARG A 10 -4.10 0.31 1.80
C ARG A 10 -5.10 -0.05 0.71
N ARG A 11 -6.21 0.69 0.65
CA ARG A 11 -7.24 0.46 -0.36
C ARG A 11 -7.11 1.43 -1.52
N ASP A 12 -5.96 1.40 -2.18
CA ASP A 12 -5.71 2.28 -3.32
C ASP A 12 -5.07 1.52 -4.47
N GLY A 1 -4.03 0.75 -4.18
CA GLY A 1 -3.08 0.27 -5.17
C GLY A 1 -1.73 0.95 -5.05
N SER A 2 -1.61 1.85 -4.07
CA SER A 2 -0.37 2.57 -3.85
C SER A 2 0.54 1.83 -2.86
N CYS A 3 0.59 0.51 -3.00
CA CYS A 3 1.41 -0.32 -2.12
C CYS A 3 2.87 0.12 -2.16
N PHE A 4 3.48 0.24 -0.99
CA PHE A 4 4.86 0.66 -0.88
C PHE A 4 5.52 0.05 0.35
N GLY A 5 5.92 -1.22 0.24
CA GLY A 5 6.56 -1.89 1.36
C GLY A 5 5.74 -1.80 2.63
N ALA A 6 6.19 -0.98 3.57
CA ALA A 6 5.50 -0.81 4.84
C ALA A 6 4.10 -0.22 4.63
N PHE A 7 3.87 0.33 3.44
CA PHE A 7 2.58 0.93 3.11
C PHE A 7 1.85 0.08 2.07
N CYS A 8 2.00 -1.23 2.17
CA CYS A 8 1.34 -2.15 1.25
C CYS A 8 -0.01 -2.60 1.79
N PHE A 9 -0.51 -1.88 2.78
CA PHE A 9 -1.80 -2.21 3.39
C PHE A 9 -2.78 -1.05 3.24
N ARG A 10 -3.15 -0.76 2.00
CA ARG A 10 -4.09 0.32 1.72
C ARG A 10 -5.08 -0.08 0.63
N ARG A 11 -6.22 0.59 0.58
CA ARG A 11 -7.24 0.31 -0.41
C ARG A 11 -7.13 1.26 -1.59
N ASP A 12 -5.92 1.45 -2.09
CA ASP A 12 -5.67 2.34 -3.22
C ASP A 12 -5.07 1.57 -4.39
#